data_3LQ3
#
_entry.id   3LQ3
#
_cell.length_a   98.175
_cell.length_b   73.206
_cell.length_c   62.426
_cell.angle_alpha   90.000
_cell.angle_beta   117.970
_cell.angle_gamma   90.000
#
_symmetry.space_group_name_H-M   'C 1 2 1'
#
loop_
_entity.id
_entity.type
_entity.pdbx_description
1 polymer 'Choline/ethanolamine kinase'
2 non-polymer "(2S)-2-[4'-({dimethyl[2-(phosphonooxy)ethyl]ammonio}acetyl)biphenyl-4-yl]-2-hydroxy-4,4-dimethylmorpholin-4-ium"
3 non-polymer 'MAGNESIUM ION'
4 non-polymer 'UNKNOWN ATOM OR ION'
5 non-polymer 'SULFATE ION'
6 non-polymer "ADENOSINE-5'-DIPHOSPHATE"
7 non-polymer 'ADENOSINE MONOPHOSPHATE'
8 water water
#
_entity_poly.entity_id   1
_entity_poly.type   'polypeptide(L)'
_entity_poly.pdbx_seq_one_letter_code
;MGSSHHHHHHSSGLVPRGSVGGCLAKDGLQQSKCPDTTPKRRRASSLSRDAERRAYQWCREYLGGAWRRVQPEELRVYPV
SGGLSNLLFRCSLPDHLPSVGEEPREVLLRLYGAILQGVDSLVLESVMFAILAERSLGPQLYGVFPEGRLEQYIPSRPLK
TQELREPVLSAAIATKMAQFHGMEMPFTKEPHWLFGTMERYLKQIQDLPPTGLPEMNLLEMYSLKDEMGNLRKLLESTPS
PVVFCHNDIQEGNILLLSEPENADSLMLVDFEYSSYNYRGFDIGNHFCEWVYDYTHEEWPFYKARPTDYPTQEQQLHFIR
HYLAEAKKGETLSQEEQRKLEEDLLVEVSRYALASHFFWGLWSILQASMSTIEFGYLDYAQSRFQFYFQQKGQLTSVHSS
S
;
_entity_poly.pdbx_strand_id   A
#
# COMPACT_ATOMS: atom_id res chain seq x y z
N SER A 48 5.65 28.61 5.60
CA SER A 48 5.12 29.63 6.56
C SER A 48 5.97 29.66 7.82
N ARG A 49 6.10 30.84 8.42
CA ARG A 49 6.90 31.04 9.61
C ARG A 49 6.56 30.01 10.71
N ASP A 50 5.27 29.78 10.94
CA ASP A 50 4.87 28.88 12.03
C ASP A 50 5.26 27.44 11.74
N ALA A 51 4.99 26.99 10.52
CA ALA A 51 5.33 25.64 10.14
C ALA A 51 6.82 25.42 10.20
N GLU A 52 7.62 26.40 9.77
CA GLU A 52 9.08 26.28 9.85
C GLU A 52 9.52 26.15 11.30
N ARG A 53 8.95 26.96 12.18
CA ARG A 53 9.31 26.94 13.59
C ARG A 53 8.98 25.60 14.23
N ARG A 54 7.79 25.09 13.97
CA ARG A 54 7.40 23.78 14.48
C ARG A 54 8.37 22.70 14.01
N ALA A 55 8.72 22.71 12.73
CA ALA A 55 9.63 21.67 12.17
C ALA A 55 10.99 21.77 12.83
N TYR A 56 11.48 22.98 13.00
CA TYR A 56 12.72 23.23 13.68
C TYR A 56 12.70 22.67 15.11
N GLN A 57 11.65 22.99 15.86
CA GLN A 57 11.54 22.55 17.23
C GLN A 57 11.46 21.02 17.29
N TRP A 58 10.70 20.42 16.40
CA TRP A 58 10.54 18.96 16.41
C TRP A 58 11.85 18.29 16.10
N CYS A 59 12.58 18.77 15.11
CA CYS A 59 13.86 18.19 14.80
C CYS A 59 14.84 18.32 15.94
N ARG A 60 14.98 19.52 16.50
CA ARG A 60 15.91 19.66 17.62
C ARG A 60 15.57 18.74 18.83
N GLU A 61 14.30 18.71 19.17
CA GLU A 61 13.80 18.00 20.37
C GLU A 61 13.81 16.47 20.21
N TYR A 62 13.36 15.98 19.07
CA TYR A 62 13.25 14.52 18.83
C TYR A 62 14.48 13.91 18.21
N LEU A 63 15.25 14.66 17.42
CA LEU A 63 16.48 14.08 16.83
C LEU A 63 17.71 14.25 17.74
N GLY A 64 17.83 15.44 18.32
CA GLY A 64 18.95 15.77 19.19
C GLY A 64 20.26 15.75 18.44
N GLY A 65 21.35 15.53 19.17
CA GLY A 65 22.63 15.46 18.56
C GLY A 65 22.95 16.75 17.81
N ALA A 66 23.45 16.60 16.60
CA ALA A 66 23.84 17.78 15.81
C ALA A 66 22.69 18.74 15.58
N TRP A 67 21.47 18.25 15.64
CA TRP A 67 20.33 19.13 15.47
C TRP A 67 20.23 20.20 16.52
N ARG A 68 20.83 19.98 17.70
CA ARG A 68 20.86 21.01 18.72
C ARG A 68 21.63 22.25 18.30
N ARG A 69 22.52 22.11 17.34
CA ARG A 69 23.42 23.19 16.90
C ARG A 69 22.91 23.95 15.70
N VAL A 70 21.79 23.49 15.16
CA VAL A 70 21.21 24.11 13.98
C VAL A 70 20.52 25.40 14.40
N GLN A 71 20.73 26.44 13.61
CA GLN A 71 20.03 27.71 13.79
C GLN A 71 18.82 27.76 12.89
N PRO A 72 17.77 28.45 13.31
CA PRO A 72 16.54 28.51 12.49
C PRO A 72 16.72 28.92 11.02
N GLU A 73 17.64 29.86 10.78
CA GLU A 73 17.83 30.39 9.45
C GLU A 73 18.53 29.40 8.53
N GLU A 74 19.00 28.27 9.08
CA GLU A 74 19.72 27.23 8.33
C GLU A 74 18.85 26.06 7.92
N LEU A 75 17.61 26.05 8.35
CA LEU A 75 16.69 24.93 8.13
C LEU A 75 15.44 25.45 7.47
N ARG A 76 15.09 24.84 6.35
CA ARG A 76 13.78 24.99 5.74
C ARG A 76 13.21 23.62 5.36
N VAL A 77 11.88 23.48 5.47
CA VAL A 77 11.19 22.25 5.10
C VAL A 77 10.94 22.22 3.60
N TYR A 78 11.09 21.08 2.99
CA TYR A 78 10.80 20.92 1.57
C TYR A 78 9.62 19.98 1.39
N PRO A 79 8.52 20.46 0.80
CA PRO A 79 7.38 19.60 0.61
C PRO A 79 7.66 18.50 -0.40
N VAL A 80 7.31 17.27 -0.06
CA VAL A 80 7.36 16.18 -1.00
C VAL A 80 5.98 15.48 -1.10
N ASN A 86 -0.41 18.72 0.89
CA ASN A 86 0.77 17.98 1.26
C ASN A 86 1.03 17.94 2.79
N LEU A 87 1.35 16.74 3.24
CA LEU A 87 1.60 16.45 4.64
C LEU A 87 3.01 15.93 4.90
N LEU A 88 3.83 15.78 3.86
CA LEU A 88 5.18 15.19 4.01
C LEU A 88 6.26 16.24 3.65
N PHE A 89 7.29 16.32 4.47
CA PHE A 89 8.33 17.36 4.30
C PHE A 89 9.68 16.84 4.61
N ARG A 90 10.67 17.14 3.77
CA ARG A 90 12.06 16.77 4.06
CA ARG A 90 12.06 16.77 4.04
C ARG A 90 12.73 17.83 4.90
N CYS A 91 13.49 17.36 5.88
CA CYS A 91 14.33 18.21 6.73
C CYS A 91 15.77 17.61 6.66
N SER A 92 16.77 18.42 6.34
CA SER A 92 18.18 18.00 6.23
C SER A 92 19.07 18.80 7.16
N LEU A 93 19.97 18.11 7.81
CA LEU A 93 20.96 18.78 8.66
C LEU A 93 21.90 19.60 7.77
N PRO A 94 22.25 20.80 8.22
CA PRO A 94 23.20 21.59 7.42
C PRO A 94 24.51 20.85 7.17
N ASP A 95 25.05 21.03 5.96
CA ASP A 95 26.25 20.30 5.52
C ASP A 95 27.47 20.55 6.41
N HIS A 96 27.59 21.76 6.96
CA HIS A 96 28.78 22.10 7.75
C HIS A 96 28.82 21.41 9.10
N LEU A 97 27.69 20.83 9.56
CA LEU A 97 27.66 20.22 10.85
C LEU A 97 28.01 18.74 10.80
N PRO A 98 28.93 18.30 11.66
CA PRO A 98 29.16 16.87 11.79
C PRO A 98 28.07 16.26 12.66
N SER A 99 27.71 15.03 12.37
CA SER A 99 26.81 14.30 13.27
C SER A 99 27.48 14.05 14.64
N VAL A 100 26.66 13.98 15.67
CA VAL A 100 27.18 13.80 17.05
C VAL A 100 27.24 12.33 17.40
N GLY A 101 26.12 11.64 17.21
CA GLY A 101 26.04 10.19 17.38
C GLY A 101 25.35 9.56 16.20
N GLU A 102 24.34 8.74 16.48
CA GLU A 102 23.64 8.01 15.43
C GLU A 102 22.39 8.73 14.92
N GLU A 103 22.16 9.93 15.39
CA GLU A 103 20.95 10.66 15.00
C GLU A 103 20.97 10.95 13.51
N PRO A 104 19.82 10.85 12.84
CA PRO A 104 19.77 10.98 11.40
C PRO A 104 20.03 12.38 10.89
N ARG A 105 20.73 12.47 9.77
CA ARG A 105 20.88 13.75 9.06
C ARG A 105 19.71 14.09 8.15
N GLU A 106 18.97 13.10 7.72
CA GLU A 106 17.91 13.27 6.73
C GLU A 106 16.64 12.62 7.22
N VAL A 107 15.60 13.43 7.43
CA VAL A 107 14.34 12.95 7.93
C VAL A 107 13.19 13.44 7.08
N LEU A 108 12.07 12.74 7.21
CA LEU A 108 10.79 13.17 6.68
CA LEU A 108 10.82 13.15 6.67
C LEU A 108 9.90 13.46 7.84
N LEU A 109 9.33 14.67 7.86
CA LEU A 109 8.30 15.04 8.79
C LEU A 109 6.95 14.68 8.13
N ARG A 110 6.17 13.83 8.77
CA ARG A 110 4.83 13.43 8.31
C ARG A 110 3.83 14.04 9.27
N LEU A 111 3.00 14.96 8.78
CA LEU A 111 1.94 15.48 9.61
C LEU A 111 0.67 14.68 9.39
N TYR A 112 -0.06 14.45 10.46
CA TYR A 112 -1.32 13.73 10.36
C TYR A 112 -2.37 14.65 9.80
N GLY A 113 -3.37 14.07 9.19
CA GLY A 113 -4.50 14.86 8.65
C GLY A 113 -5.21 15.78 9.65
N ALA A 114 -6.03 16.69 9.12
CA ALA A 114 -7.04 17.38 9.93
C ALA A 114 -8.14 16.39 10.29
N ILE A 115 -8.21 15.28 9.53
CA ILE A 115 -9.20 14.23 9.71
C ILE A 115 -9.04 13.45 11.02
N LEU A 116 -10.19 13.17 11.65
CA LEU A 116 -10.25 12.40 12.89
C LEU A 116 -9.72 10.96 12.73
N GLN A 117 -8.71 10.61 13.52
CA GLN A 117 -8.26 9.22 13.65
C GLN A 117 -8.41 8.79 15.10
N GLY A 118 -9.08 7.67 15.31
CA GLY A 118 -9.32 7.16 16.66
C GLY A 118 -8.02 6.90 17.43
N VAL A 119 -8.14 6.91 18.75
CA VAL A 119 -7.01 6.64 19.67
C VAL A 119 -6.42 5.24 19.40
N ASP A 120 -7.29 4.24 19.41
CA ASP A 120 -6.88 2.87 19.21
C ASP A 120 -6.22 2.72 17.82
N SER A 121 -6.81 3.35 16.81
CA SER A 121 -6.22 3.33 15.46
C SER A 121 -4.80 3.93 15.46
N LEU A 122 -4.60 5.02 16.17
CA LEU A 122 -3.28 5.66 16.17
C LEU A 122 -2.24 4.79 16.94
N VAL A 123 -2.68 4.12 18.00
CA VAL A 123 -1.80 3.19 18.72
C VAL A 123 -1.35 2.08 17.74
N LEU A 124 -2.30 1.51 17.03
CA LEU A 124 -1.95 0.41 16.15
C LEU A 124 -1.02 0.87 15.04
N GLU A 125 -1.33 2.02 14.43
CA GLU A 125 -0.52 2.51 13.31
C GLU A 125 0.91 2.77 13.77
N SER A 126 1.03 3.39 14.94
CA SER A 126 2.35 3.78 15.43
C SER A 126 3.17 2.58 15.87
N VAL A 127 2.52 1.63 16.54
CA VAL A 127 3.20 0.40 16.94
C VAL A 127 3.65 -0.36 15.70
N MET A 128 2.76 -0.44 14.71
CA MET A 128 3.11 -1.15 13.47
C MET A 128 4.34 -0.52 12.83
N PHE A 129 4.31 0.81 12.70
CA PHE A 129 5.41 1.50 12.04
C PHE A 129 6.76 1.27 12.81
N ALA A 130 6.70 1.35 14.14
CA ALA A 130 7.85 1.19 14.95
C ALA A 130 8.44 -0.25 14.79
N ILE A 131 7.58 -1.25 14.78
CA ILE A 131 8.06 -2.63 14.64
C ILE A 131 8.66 -2.90 13.26
N LEU A 132 7.99 -2.45 12.21
CA LEU A 132 8.53 -2.68 10.88
C LEU A 132 9.90 -1.99 10.73
N ALA A 133 10.07 -0.84 11.40
CA ALA A 133 11.37 -0.17 11.38
C ALA A 133 12.44 -1.05 12.03
N GLU A 134 12.13 -1.61 13.18
CA GLU A 134 13.10 -2.49 13.85
C GLU A 134 13.49 -3.68 13.07
N ARG A 135 12.55 -4.19 12.27
CA ARG A 135 12.76 -5.37 11.46
C ARG A 135 13.25 -5.04 10.06
N SER A 136 13.58 -3.77 9.84
CA SER A 136 14.18 -3.35 8.56
C SER A 136 13.20 -3.53 7.40
N LEU A 137 11.91 -3.44 7.67
CA LEU A 137 10.87 -3.51 6.63
C LEU A 137 10.16 -2.20 6.40
N GLY A 138 10.59 -1.15 7.08
CA GLY A 138 10.13 0.19 6.79
C GLY A 138 11.14 1.19 7.27
N PRO A 139 10.85 2.48 7.03
CA PRO A 139 11.76 3.55 7.44
C PRO A 139 11.89 3.60 8.96
N GLN A 140 13.04 3.98 9.46
CA GLN A 140 13.23 4.16 10.87
C GLN A 140 12.34 5.26 11.43
N LEU A 141 12.02 5.16 12.71
CA LEU A 141 11.13 6.07 13.40
C LEU A 141 11.93 6.85 14.42
N TYR A 142 11.92 8.17 14.29
CA TYR A 142 12.75 9.06 15.13
C TYR A 142 12.00 9.99 16.03
N GLY A 143 10.68 10.17 15.82
CA GLY A 143 9.85 10.95 16.70
C GLY A 143 8.39 10.65 16.51
N VAL A 144 7.67 10.56 17.64
CA VAL A 144 6.21 10.47 17.62
CA VAL A 144 6.23 10.39 17.70
C VAL A 144 5.67 11.51 18.57
N PHE A 145 4.70 12.27 18.05
CA PHE A 145 4.12 13.38 18.78
C PHE A 145 2.71 13.59 18.28
N PRO A 146 1.92 14.42 18.98
CA PRO A 146 0.50 14.44 18.64
C PRO A 146 0.18 14.80 17.18
N GLU A 147 1.00 15.66 16.61
CA GLU A 147 0.77 16.19 15.28
C GLU A 147 1.31 15.32 14.14
N GLY A 148 2.18 14.37 14.43
CA GLY A 148 2.79 13.59 13.38
C GLY A 148 3.97 12.81 13.85
N ARG A 149 4.88 12.50 12.93
CA ARG A 149 6.05 11.76 13.24
C ARG A 149 7.22 12.21 12.40
N LEU A 150 8.41 11.88 12.84
CA LEU A 150 9.61 12.04 12.08
C LEU A 150 10.13 10.64 11.71
N GLU A 151 10.40 10.44 10.43
CA GLU A 151 10.83 9.16 9.86
C GLU A 151 12.14 9.34 9.16
N GLN A 152 12.84 8.26 8.97
CA GLN A 152 14.00 8.25 8.10
C GLN A 152 13.60 8.62 6.70
N TYR A 153 14.32 9.60 6.10
CA TYR A 153 14.21 9.81 4.67
C TYR A 153 15.06 8.72 3.99
N ILE A 154 14.41 7.91 3.15
CA ILE A 154 15.11 6.81 2.46
C ILE A 154 15.60 7.35 1.13
N PRO A 155 16.93 7.35 0.94
CA PRO A 155 17.43 7.82 -0.36
C PRO A 155 17.00 6.85 -1.47
N SER A 156 16.21 7.35 -2.41
CA SER A 156 15.42 6.45 -3.25
C SER A 156 14.58 7.22 -4.24
N ARG A 157 13.90 6.47 -5.13
CA ARG A 157 12.79 6.99 -5.88
C ARG A 157 11.73 5.89 -5.97
N PRO A 158 10.46 6.27 -6.14
CA PRO A 158 9.43 5.24 -6.31
C PRO A 158 9.51 4.59 -7.68
N LEU A 159 9.09 3.35 -7.77
CA LEU A 159 8.91 2.72 -9.05
C LEU A 159 7.76 3.35 -9.86
N LYS A 160 7.81 3.12 -11.17
CA LYS A 160 6.75 3.47 -12.08
C LYS A 160 6.03 2.24 -12.55
N THR A 161 4.81 2.46 -13.01
CA THR A 161 3.90 1.38 -13.37
C THR A 161 4.54 0.38 -14.33
N GLN A 162 5.19 0.88 -15.37
CA GLN A 162 5.76 -0.02 -16.37
CA GLN A 162 5.78 0.00 -16.38
C GLN A 162 6.93 -0.87 -15.82
N GLU A 163 7.61 -0.39 -14.78
CA GLU A 163 8.77 -1.10 -14.22
C GLU A 163 8.36 -2.35 -13.45
N LEU A 164 7.09 -2.41 -13.05
CA LEU A 164 6.62 -3.56 -12.26
C LEU A 164 6.76 -4.88 -13.03
N ARG A 165 6.75 -4.78 -14.37
CA ARG A 165 6.77 -5.98 -15.20
CA ARG A 165 6.78 -5.96 -15.24
C ARG A 165 8.19 -6.50 -15.51
N GLU A 166 9.23 -5.72 -15.18
CA GLU A 166 10.59 -6.11 -15.46
C GLU A 166 10.92 -7.33 -14.60
N PRO A 167 11.39 -8.42 -15.19
CA PRO A 167 11.52 -9.69 -14.42
C PRO A 167 12.39 -9.55 -13.17
N VAL A 168 13.51 -8.87 -13.25
CA VAL A 168 14.40 -8.82 -12.10
C VAL A 168 13.75 -8.00 -10.95
N LEU A 169 13.13 -6.88 -11.27
CA LEU A 169 12.40 -6.08 -10.26
C LEU A 169 11.21 -6.86 -9.72
N SER A 170 10.45 -7.52 -10.57
CA SER A 170 9.28 -8.30 -10.12
C SER A 170 9.72 -9.41 -9.16
N ALA A 171 10.82 -10.10 -9.46
CA ALA A 171 11.38 -11.11 -8.53
C ALA A 171 11.74 -10.45 -7.18
N ALA A 172 12.31 -9.24 -7.20
CA ALA A 172 12.66 -8.58 -5.96
C ALA A 172 11.40 -8.14 -5.19
N ILE A 173 10.35 -7.73 -5.90
CA ILE A 173 9.11 -7.37 -5.23
C ILE A 173 8.47 -8.58 -4.56
N ALA A 174 8.45 -9.69 -5.27
CA ALA A 174 7.92 -10.94 -4.74
C ALA A 174 8.66 -11.32 -3.48
N THR A 175 9.97 -11.22 -3.51
CA THR A 175 10.81 -11.59 -2.36
C THR A 175 10.47 -10.68 -1.19
N LYS A 176 10.33 -9.39 -1.43
CA LYS A 176 10.03 -8.43 -0.37
C LYS A 176 8.63 -8.66 0.19
N MET A 177 7.64 -8.93 -0.67
CA MET A 177 6.30 -9.17 -0.21
C MET A 177 6.31 -10.43 0.69
N ALA A 178 6.99 -11.51 0.26
CA ALA A 178 7.06 -12.68 1.09
C ALA A 178 7.70 -12.38 2.43
N GLN A 179 8.73 -11.55 2.42
CA GLN A 179 9.36 -11.15 3.70
C GLN A 179 8.36 -10.49 4.62
N PHE A 180 7.58 -9.57 4.08
CA PHE A 180 6.56 -8.89 4.82
C PHE A 180 5.56 -9.88 5.40
N HIS A 181 5.14 -10.85 4.59
CA HIS A 181 4.23 -11.92 5.02
C HIS A 181 4.76 -12.87 6.09
N GLY A 182 6.07 -12.85 6.30
CA GLY A 182 6.71 -13.59 7.37
C GLY A 182 6.57 -12.94 8.74
N MET A 183 6.08 -11.73 8.84
CA MET A 183 6.05 -10.99 10.11
C MET A 183 4.97 -11.44 11.06
N GLU A 184 5.37 -11.65 12.30
CA GLU A 184 4.42 -11.79 13.43
C GLU A 184 4.27 -10.39 14.04
N MET A 185 3.05 -9.88 14.04
CA MET A 185 2.70 -8.56 14.54
C MET A 185 1.59 -8.63 15.58
N PRO A 186 1.57 -7.69 16.51
CA PRO A 186 0.68 -7.82 17.72
C PRO A 186 -0.75 -7.35 17.47
N PHE A 187 -1.31 -7.79 16.34
CA PHE A 187 -2.60 -7.40 15.87
C PHE A 187 -3.50 -8.60 15.65
N THR A 188 -4.77 -8.33 15.44
CA THR A 188 -5.74 -9.44 15.28
C THR A 188 -5.35 -10.29 14.11
N LYS A 189 -5.38 -11.61 14.31
CA LYS A 189 -5.01 -12.57 13.27
C LYS A 189 -6.24 -13.10 12.58
N GLU A 190 -7.41 -12.76 13.07
CA GLU A 190 -8.64 -13.18 12.42
CA GLU A 190 -8.65 -13.17 12.42
C GLU A 190 -8.80 -12.33 11.16
N PRO A 191 -9.08 -12.98 10.01
CA PRO A 191 -9.10 -12.28 8.70
C PRO A 191 -10.37 -11.51 8.40
N HIS A 192 -10.87 -10.73 9.34
CA HIS A 192 -12.08 -9.95 9.07
C HIS A 192 -11.81 -8.68 8.25
N TRP A 193 -10.55 -8.30 8.05
CA TRP A 193 -10.26 -7.01 7.36
C TRP A 193 -10.92 -6.88 6.00
N LEU A 194 -10.86 -7.91 5.18
CA LEU A 194 -11.26 -7.76 3.79
C LEU A 194 -12.77 -7.50 3.68
N PHE A 195 -13.55 -8.45 4.12
CA PHE A 195 -15.00 -8.27 4.03
C PHE A 195 -15.52 -7.36 5.09
N GLY A 196 -14.89 -7.30 6.26
CA GLY A 196 -15.32 -6.34 7.25
C GLY A 196 -15.17 -4.92 6.75
N THR A 197 -14.03 -4.59 6.15
CA THR A 197 -13.82 -3.25 5.60
C THR A 197 -14.76 -3.01 4.42
N MET A 198 -14.94 -3.97 3.51
CA MET A 198 -15.81 -3.74 2.37
C MET A 198 -17.26 -3.54 2.83
N GLU A 199 -17.70 -4.31 3.82
CA GLU A 199 -19.05 -4.16 4.37
C GLU A 199 -19.19 -2.79 4.96
N ARG A 200 -18.16 -2.33 5.66
CA ARG A 200 -18.19 -0.98 6.26
C ARG A 200 -18.24 0.09 5.18
N TYR A 201 -17.41 -0.02 4.15
CA TYR A 201 -17.44 0.95 3.05
C TYR A 201 -18.81 1.01 2.39
N LEU A 202 -19.42 -0.15 2.17
CA LEU A 202 -20.74 -0.19 1.54
C LEU A 202 -21.77 0.53 2.39
N LYS A 203 -21.76 0.27 3.71
CA LYS A 203 -22.67 0.94 4.65
C LYS A 203 -22.41 2.46 4.61
N GLN A 204 -21.13 2.86 4.57
CA GLN A 204 -20.83 4.30 4.55
C GLN A 204 -21.31 4.93 3.28
N ILE A 205 -21.20 4.22 2.17
CA ILE A 205 -21.68 4.75 0.89
C ILE A 205 -23.20 4.91 0.95
N GLN A 206 -23.88 3.90 1.48
CA GLN A 206 -25.37 3.97 1.62
C GLN A 206 -25.79 5.15 2.47
N ASP A 207 -24.96 5.52 3.44
CA ASP A 207 -25.28 6.62 4.34
C ASP A 207 -24.89 8.01 3.88
N LEU A 208 -24.24 8.11 2.74
CA LEU A 208 -23.78 9.41 2.25
C LEU A 208 -24.97 10.32 1.98
N PRO A 209 -24.83 11.59 2.31
CA PRO A 209 -25.90 12.51 1.98
C PRO A 209 -25.98 12.66 0.46
N PRO A 210 -27.19 12.76 -0.08
CA PRO A 210 -27.31 13.05 -1.52
C PRO A 210 -26.65 14.40 -1.87
N THR A 211 -26.04 14.46 -3.05
CA THR A 211 -25.25 15.63 -3.46
C THR A 211 -25.91 16.47 -4.52
N GLY A 212 -26.82 15.89 -5.29
CA GLY A 212 -27.40 16.54 -6.47
C GLY A 212 -26.95 15.88 -7.77
N LEU A 213 -25.89 15.06 -7.71
CA LEU A 213 -25.43 14.35 -8.90
C LEU A 213 -26.52 13.35 -9.30
N PRO A 214 -26.95 13.38 -10.57
CA PRO A 214 -28.16 12.63 -10.96
C PRO A 214 -27.94 11.18 -11.31
N GLU A 215 -26.67 10.77 -11.44
CA GLU A 215 -26.35 9.45 -11.98
C GLU A 215 -26.78 8.32 -11.06
N MET A 216 -27.07 7.18 -11.67
CA MET A 216 -27.37 5.98 -10.89
CA MET A 216 -27.35 5.95 -10.91
C MET A 216 -26.22 5.68 -9.94
N ASN A 217 -26.57 5.36 -8.71
CA ASN A 217 -25.60 5.01 -7.69
C ASN A 217 -24.81 3.79 -8.19
N LEU A 218 -23.48 3.77 -8.04
CA LEU A 218 -22.71 2.60 -8.56
C LEU A 218 -23.08 1.33 -7.82
N LEU A 219 -23.51 1.45 -6.56
CA LEU A 219 -23.96 0.28 -5.81
C LEU A 219 -25.10 -0.40 -6.53
N GLU A 220 -26.00 0.40 -7.12
CA GLU A 220 -27.13 -0.16 -7.86
C GLU A 220 -26.75 -0.55 -9.28
N MET A 221 -25.95 0.27 -9.97
CA MET A 221 -25.59 -0.03 -11.35
C MET A 221 -24.94 -1.41 -11.46
N TYR A 222 -24.12 -1.75 -10.47
CA TYR A 222 -23.29 -2.97 -10.51
C TYR A 222 -23.80 -4.03 -9.52
N SER A 223 -24.96 -3.78 -8.92
CA SER A 223 -25.56 -4.69 -7.91
C SER A 223 -24.51 -5.15 -6.92
N LEU A 224 -23.82 -4.19 -6.31
CA LEU A 224 -22.67 -4.51 -5.47
C LEU A 224 -22.98 -5.16 -4.14
N LYS A 225 -24.11 -4.85 -3.53
CA LYS A 225 -24.46 -5.53 -2.27
C LYS A 225 -24.67 -7.02 -2.53
N ASP A 226 -25.38 -7.35 -3.60
CA ASP A 226 -25.57 -8.77 -3.93
C ASP A 226 -24.23 -9.37 -4.34
N GLU A 227 -23.49 -8.62 -5.15
CA GLU A 227 -22.23 -9.15 -5.71
C GLU A 227 -21.21 -9.42 -4.64
N MET A 228 -21.23 -8.65 -3.58
CA MET A 228 -20.29 -8.91 -2.49
C MET A 228 -20.48 -10.32 -1.91
N GLY A 229 -21.72 -10.80 -1.82
CA GLY A 229 -22.00 -12.15 -1.36
C GLY A 229 -21.51 -13.20 -2.31
N ASN A 230 -21.64 -12.94 -3.61
CA ASN A 230 -21.14 -13.86 -4.61
C ASN A 230 -19.60 -14.01 -4.50
N LEU A 231 -18.93 -12.86 -4.33
CA LEU A 231 -17.46 -12.83 -4.15
C LEU A 231 -17.06 -13.55 -2.88
N ARG A 232 -17.79 -13.31 -1.79
CA ARG A 232 -17.51 -13.95 -0.52
C ARG A 232 -17.59 -15.48 -0.66
N LYS A 233 -18.61 -15.96 -1.35
CA LYS A 233 -18.77 -17.41 -1.54
C LYS A 233 -17.61 -17.96 -2.36
N LEU A 234 -17.25 -17.27 -3.43
CA LEU A 234 -16.11 -17.70 -4.24
C LEU A 234 -14.84 -17.78 -3.40
N LEU A 235 -14.54 -16.74 -2.64
CA LEU A 235 -13.30 -16.73 -1.88
C LEU A 235 -13.33 -17.71 -0.69
N GLU A 236 -14.53 -17.96 -0.14
CA GLU A 236 -14.66 -18.96 0.93
C GLU A 236 -14.31 -20.37 0.41
N SER A 237 -14.51 -20.63 -0.87
CA SER A 237 -14.10 -21.91 -1.51
C SER A 237 -12.62 -21.98 -1.92
N THR A 238 -11.86 -20.89 -1.65
CA THR A 238 -10.51 -20.71 -2.16
C THR A 238 -9.55 -20.52 -0.98
N PRO A 239 -8.88 -21.59 -0.57
CA PRO A 239 -8.01 -21.43 0.58
C PRO A 239 -6.91 -20.43 0.30
N SER A 240 -6.65 -19.54 1.27
CA SER A 240 -5.53 -18.60 1.15
C SER A 240 -5.06 -18.36 2.59
N PRO A 241 -3.81 -18.64 2.89
CA PRO A 241 -3.30 -18.44 4.25
CA PRO A 241 -3.34 -18.45 4.25
C PRO A 241 -3.42 -16.99 4.69
N VAL A 242 -3.72 -16.79 5.95
CA VAL A 242 -3.83 -15.46 6.55
C VAL A 242 -2.40 -15.08 7.03
N VAL A 243 -1.91 -13.94 6.56
CA VAL A 243 -0.54 -13.45 6.82
C VAL A 243 -0.63 -11.95 7.01
N PHE A 244 0.44 -11.35 7.55
CA PHE A 244 0.50 -9.92 7.64
C PHE A 244 0.74 -9.32 6.30
N CYS A 245 -0.28 -8.65 5.80
CA CYS A 245 -0.26 -8.08 4.43
C CYS A 245 -0.04 -6.59 4.42
N HIS A 246 0.61 -6.12 3.38
CA HIS A 246 0.82 -4.71 3.19
C HIS A 246 -0.50 -4.05 2.75
N ASN A 247 -1.16 -4.69 1.78
CA ASN A 247 -2.46 -4.35 1.21
C ASN A 247 -2.47 -3.23 0.19
N ASP A 248 -1.30 -2.67 -0.14
CA ASP A 248 -1.25 -1.57 -1.12
C ASP A 248 0.13 -1.54 -1.79
N ILE A 249 0.53 -2.70 -2.31
CA ILE A 249 1.86 -2.81 -3.00
C ILE A 249 1.71 -2.34 -4.44
N GLN A 250 1.53 -1.02 -4.57
CA GLN A 250 1.54 -0.33 -5.86
C GLN A 250 2.96 0.27 -6.03
N GLU A 251 3.25 0.60 -7.28
CA GLU A 251 4.53 1.17 -7.65
C GLU A 251 4.93 2.39 -6.80
N GLY A 252 4.00 3.23 -6.44
CA GLY A 252 4.29 4.40 -5.64
C GLY A 252 4.72 4.15 -4.24
N ASN A 253 4.48 2.93 -3.75
CA ASN A 253 4.89 2.50 -2.44
C ASN A 253 6.08 1.57 -2.42
N ILE A 254 6.74 1.37 -3.56
CA ILE A 254 7.94 0.56 -3.66
C ILE A 254 9.10 1.50 -3.95
N LEU A 255 9.98 1.67 -3.00
CA LEU A 255 11.13 2.57 -3.17
C LEU A 255 12.34 1.81 -3.62
N LEU A 256 12.92 2.31 -4.71
CA LEU A 256 14.14 1.76 -5.26
C LEU A 256 15.30 2.49 -4.59
N LEU A 257 16.08 1.77 -3.81
CA LEU A 257 17.12 2.36 -2.96
C LEU A 257 18.32 2.86 -3.76
N SER A 258 18.82 4.02 -3.39
CA SER A 258 20.10 4.49 -3.95
CA SER A 258 20.11 4.56 -3.90
C SER A 258 21.32 3.89 -3.22
N GLU A 259 21.12 3.38 -2.00
CA GLU A 259 22.21 2.76 -1.20
C GLU A 259 21.87 1.31 -0.79
N PRO A 260 21.79 0.41 -1.78
CA PRO A 260 21.53 -0.99 -1.43
C PRO A 260 22.73 -1.61 -0.68
N ASP A 264 19.38 -6.54 -0.81
CA ASP A 264 18.23 -5.64 -0.42
C ASP A 264 18.25 -4.35 -1.24
N SER A 265 17.40 -4.31 -2.25
CA SER A 265 17.39 -3.27 -3.25
C SER A 265 16.15 -2.37 -3.21
N LEU A 266 15.13 -2.82 -2.47
CA LEU A 266 13.84 -2.15 -2.40
C LEU A 266 13.43 -2.00 -0.96
N MET A 267 12.61 -0.98 -0.69
CA MET A 267 11.87 -0.84 0.58
C MET A 267 10.43 -0.51 0.29
N LEU A 268 9.51 -1.18 0.99
CA LEU A 268 8.08 -0.78 0.95
C LEU A 268 7.80 0.33 1.94
N VAL A 269 6.90 1.21 1.57
CA VAL A 269 6.40 2.22 2.47
C VAL A 269 4.88 2.21 2.38
N ASP A 270 4.25 3.05 3.22
CA ASP A 270 2.81 3.28 3.23
C ASP A 270 2.05 2.10 3.79
N PHE A 271 1.95 2.04 5.11
CA PHE A 271 1.32 0.93 5.81
C PHE A 271 -0.11 1.27 6.28
N GLU A 272 -0.71 2.27 5.64
CA GLU A 272 -2.04 2.71 6.01
C GLU A 272 -3.06 1.58 6.07
N TYR A 273 -2.95 0.67 5.13
CA TYR A 273 -3.96 -0.37 4.96
C TYR A 273 -3.51 -1.73 5.47
N SER A 274 -2.30 -1.83 6.04
CA SER A 274 -1.73 -3.12 6.38
C SER A 274 -2.47 -3.82 7.50
N SER A 275 -2.56 -5.14 7.43
CA SER A 275 -3.34 -5.93 8.36
C SER A 275 -3.14 -7.38 8.10
N TYR A 276 -3.48 -8.22 9.04
CA TYR A 276 -3.59 -9.63 8.72
C TYR A 276 -4.74 -9.87 7.76
N ASN A 277 -4.45 -10.55 6.66
CA ASN A 277 -5.39 -10.68 5.53
C ASN A 277 -4.94 -11.86 4.71
N TYR A 278 -5.79 -12.25 3.74
CA TYR A 278 -5.46 -13.38 2.87
C TYR A 278 -4.26 -13.05 1.98
N ARG A 279 -3.26 -13.91 1.94
CA ARG A 279 -2.11 -13.78 1.05
CA ARG A 279 -2.12 -13.65 1.09
C ARG A 279 -2.52 -13.42 -0.36
N GLY A 280 -3.57 -14.10 -0.83
CA GLY A 280 -4.02 -13.94 -2.20
C GLY A 280 -4.38 -12.50 -2.52
N PHE A 281 -4.92 -11.78 -1.57
CA PHE A 281 -5.22 -10.38 -1.79
C PHE A 281 -3.97 -9.54 -2.04
N ASP A 282 -2.92 -9.74 -1.25
CA ASP A 282 -1.75 -8.90 -1.42
C ASP A 282 -1.12 -9.15 -2.80
N ILE A 283 -1.00 -10.41 -3.20
CA ILE A 283 -0.43 -10.74 -4.52
C ILE A 283 -1.34 -10.28 -5.67
N GLY A 284 -2.62 -10.60 -5.57
CA GLY A 284 -3.58 -10.25 -6.62
C GLY A 284 -3.70 -8.74 -6.75
N ASN A 285 -3.73 -8.02 -5.62
CA ASN A 285 -3.75 -6.57 -5.66
C ASN A 285 -2.53 -6.02 -6.38
N HIS A 286 -1.34 -6.56 -6.08
CA HIS A 286 -0.13 -6.15 -6.78
C HIS A 286 -0.23 -6.38 -8.32
N PHE A 287 -0.73 -7.52 -8.71
CA PHE A 287 -0.91 -7.78 -10.15
C PHE A 287 -1.90 -6.77 -10.76
N CYS A 288 -2.99 -6.47 -10.08
CA CYS A 288 -3.92 -5.45 -10.61
C CYS A 288 -3.22 -4.11 -10.84
N GLU A 289 -2.27 -3.79 -9.98
CA GLU A 289 -1.59 -2.53 -10.11
C GLU A 289 -0.72 -2.39 -11.36
N TRP A 290 -0.40 -3.51 -12.03
CA TRP A 290 0.33 -3.43 -13.29
C TRP A 290 -0.50 -2.69 -14.35
N VAL A 291 -1.80 -2.68 -14.18
CA VAL A 291 -2.73 -2.05 -15.14
C VAL A 291 -2.90 -0.55 -14.97
N TYR A 292 -2.69 -0.01 -13.77
CA TYR A 292 -3.06 1.39 -13.45
CA TYR A 292 -3.09 1.39 -13.45
C TYR A 292 -1.89 2.29 -13.18
N ASP A 293 -1.84 3.44 -13.87
CA ASP A 293 -0.85 4.47 -13.68
C ASP A 293 -1.54 5.72 -13.14
N TYR A 294 -1.15 6.14 -11.95
CA TYR A 294 -1.79 7.26 -11.28
C TYR A 294 -1.02 8.55 -11.55
N THR A 295 -0.14 8.55 -12.55
CA THR A 295 0.61 9.78 -12.90
C THR A 295 0.14 10.40 -14.20
N HIS A 296 -0.94 9.86 -14.76
CA HIS A 296 -1.48 10.32 -16.03
C HIS A 296 -1.82 11.80 -15.88
N GLU A 297 -1.48 12.61 -16.91
CA GLU A 297 -1.48 14.07 -16.71
C GLU A 297 -2.77 14.82 -17.12
N GLU A 298 -3.77 14.10 -17.63
CA GLU A 298 -5.07 14.65 -17.98
C GLU A 298 -6.14 13.96 -17.16
N TRP A 299 -7.24 14.66 -16.89
CA TRP A 299 -8.42 14.04 -16.28
C TRP A 299 -8.75 12.72 -16.99
N PRO A 300 -9.02 11.66 -16.23
CA PRO A 300 -9.28 11.56 -14.77
C PRO A 300 -8.03 11.40 -13.90
N PHE A 301 -6.85 11.58 -14.48
CA PHE A 301 -5.55 11.57 -13.80
C PHE A 301 -5.10 10.17 -13.39
N TYR A 302 -5.71 9.16 -14.00
CA TYR A 302 -5.15 7.80 -14.04
C TYR A 302 -5.34 7.30 -15.42
N LYS A 303 -4.58 6.28 -15.77
CA LYS A 303 -4.76 5.54 -17.01
C LYS A 303 -4.73 4.06 -16.76
N ALA A 304 -5.68 3.34 -17.36
CA ALA A 304 -5.73 1.88 -17.30
C ALA A 304 -5.26 1.29 -18.63
N ARG A 305 -4.41 0.29 -18.54
CA ARG A 305 -3.92 -0.48 -19.68
C ARG A 305 -4.21 -1.95 -19.36
N PRO A 306 -5.42 -2.44 -19.69
CA PRO A 306 -5.81 -3.79 -19.27
C PRO A 306 -4.88 -4.88 -19.76
N THR A 307 -4.25 -4.71 -20.92
CA THR A 307 -3.36 -5.76 -21.47
C THR A 307 -2.02 -5.86 -20.72
N ASP A 308 -1.76 -4.89 -19.83
CA ASP A 308 -0.57 -4.91 -18.99
C ASP A 308 -0.74 -5.78 -17.72
N TYR A 309 -1.93 -6.32 -17.48
CA TYR A 309 -2.09 -7.33 -16.40
C TYR A 309 -1.10 -8.45 -16.69
N PRO A 310 -0.46 -9.00 -15.67
CA PRO A 310 0.54 -10.01 -15.95
C PRO A 310 -0.01 -11.26 -16.66
N THR A 311 0.74 -11.71 -17.68
CA THR A 311 0.48 -12.98 -18.35
C THR A 311 0.65 -14.15 -17.36
N GLN A 312 0.20 -15.33 -17.74
CA GLN A 312 0.45 -16.49 -16.91
C GLN A 312 1.95 -16.66 -16.57
N GLU A 313 2.81 -16.51 -17.56
CA GLU A 313 4.23 -16.63 -17.31
C GLU A 313 4.75 -15.57 -16.35
N GLN A 314 4.30 -14.33 -16.50
CA GLN A 314 4.69 -13.26 -15.59
C GLN A 314 4.18 -13.55 -14.17
N GLN A 315 2.95 -14.02 -14.04
CA GLN A 315 2.43 -14.41 -12.74
CA GLN A 315 2.37 -14.45 -12.75
C GLN A 315 3.23 -15.54 -12.12
N LEU A 316 3.57 -16.57 -12.90
CA LEU A 316 4.38 -17.69 -12.37
C LEU A 316 5.78 -17.30 -11.96
N HIS A 317 6.39 -16.38 -12.71
CA HIS A 317 7.70 -15.89 -12.36
C HIS A 317 7.63 -15.24 -10.97
N PHE A 318 6.64 -14.39 -10.74
CA PHE A 318 6.46 -13.74 -9.45
C PHE A 318 6.23 -14.77 -8.37
N ILE A 319 5.32 -15.68 -8.62
CA ILE A 319 4.97 -16.75 -7.68
C ILE A 319 6.15 -17.64 -7.30
N ARG A 320 6.97 -18.02 -8.27
CA ARG A 320 8.18 -18.81 -7.98
C ARG A 320 9.09 -18.09 -7.00
N HIS A 321 9.32 -16.80 -7.21
CA HIS A 321 10.19 -16.05 -6.31
C HIS A 321 9.55 -15.81 -4.97
N TYR A 322 8.24 -15.58 -4.96
CA TYR A 322 7.48 -15.43 -3.71
C TYR A 322 7.64 -16.69 -2.86
N LEU A 323 7.40 -17.84 -3.47
CA LEU A 323 7.43 -19.10 -2.73
C LEU A 323 8.84 -19.48 -2.32
N ALA A 324 9.83 -19.11 -3.11
CA ALA A 324 11.21 -19.40 -2.75
C ALA A 324 11.57 -18.76 -1.43
N GLU A 325 11.05 -17.55 -1.18
CA GLU A 325 11.26 -16.87 0.08
C GLU A 325 10.34 -17.39 1.16
N ALA A 326 9.06 -17.53 0.85
CA ALA A 326 8.07 -17.94 1.84
C ALA A 326 8.41 -19.34 2.38
N LYS A 327 8.92 -20.22 1.53
CA LYS A 327 9.17 -21.62 1.89
C LYS A 327 10.65 -21.92 2.10
N LYS A 328 11.48 -20.90 2.32
N LYS A 328 11.47 -20.88 2.31
CA LYS A 328 12.94 -21.11 2.30
CA LYS A 328 12.87 -21.10 2.57
C LYS A 328 13.46 -22.13 3.36
C LYS A 328 13.02 -21.92 3.85
N GLY A 329 12.76 -22.23 4.48
N GLY A 329 13.97 -22.82 3.86
CA GLY A 329 13.17 -23.16 5.55
CA GLY A 329 14.12 -23.68 5.02
C GLY A 329 12.57 -24.54 5.45
C GLY A 329 13.19 -24.88 5.07
N GLU A 330 12.11 -24.92 4.25
CA GLU A 330 11.33 -26.15 4.10
C GLU A 330 11.96 -27.01 3.05
N THR A 331 11.85 -28.33 3.26
CA THR A 331 12.37 -29.29 2.34
C THR A 331 11.25 -29.81 1.50
N LEU A 332 11.22 -29.35 0.26
CA LEU A 332 10.14 -29.66 -0.67
C LEU A 332 10.71 -30.28 -1.92
N SER A 333 10.03 -31.31 -2.39
CA SER A 333 10.35 -31.85 -3.73
C SER A 333 9.96 -30.89 -4.84
N GLN A 334 10.55 -31.10 -6.02
CA GLN A 334 10.14 -30.31 -7.19
C GLN A 334 8.63 -30.50 -7.46
N GLU A 335 8.08 -31.69 -7.22
CA GLU A 335 6.66 -31.93 -7.41
C GLU A 335 5.75 -31.13 -6.43
N GLU A 336 6.14 -31.12 -5.16
CA GLU A 336 5.40 -30.34 -4.14
C GLU A 336 5.49 -28.86 -4.43
N GLN A 337 6.66 -28.43 -4.89
CA GLN A 337 6.86 -27.02 -5.28
C GLN A 337 5.95 -26.63 -6.45
N ARG A 338 5.85 -27.51 -7.45
CA ARG A 338 5.01 -27.29 -8.62
C ARG A 338 3.55 -27.14 -8.21
N LYS A 339 3.08 -27.99 -7.30
CA LYS A 339 1.75 -27.94 -6.81
C LYS A 339 1.50 -26.61 -6.05
N LEU A 340 2.44 -26.19 -5.22
CA LEU A 340 2.28 -24.94 -4.48
C LEU A 340 2.16 -23.79 -5.48
N GLU A 341 2.96 -23.81 -6.54
CA GLU A 341 2.89 -22.76 -7.58
C GLU A 341 1.53 -22.75 -8.30
N GLU A 342 1.06 -23.91 -8.72
CA GLU A 342 -0.21 -24.01 -9.44
C GLU A 342 -1.39 -23.62 -8.59
N ASP A 343 -1.38 -24.06 -7.34
CA ASP A 343 -2.45 -23.74 -6.44
C ASP A 343 -2.44 -22.22 -6.22
N LEU A 344 -1.24 -21.64 -6.07
CA LEU A 344 -1.17 -20.18 -5.79
C LEU A 344 -1.66 -19.40 -7.00
N LEU A 345 -1.41 -19.88 -8.22
CA LEU A 345 -1.88 -19.21 -9.40
CA LEU A 345 -1.92 -19.22 -9.43
C LEU A 345 -3.43 -19.09 -9.38
N VAL A 346 -4.11 -20.15 -9.02
CA VAL A 346 -5.55 -20.15 -8.95
C VAL A 346 -6.04 -19.25 -7.80
N GLU A 347 -5.41 -19.38 -6.64
CA GLU A 347 -5.71 -18.56 -5.49
C GLU A 347 -5.68 -17.07 -5.83
N VAL A 348 -4.59 -16.66 -6.47
CA VAL A 348 -4.45 -15.24 -6.83
C VAL A 348 -5.49 -14.80 -7.89
N SER A 349 -5.79 -15.67 -8.86
CA SER A 349 -6.76 -15.35 -9.89
C SER A 349 -8.10 -14.98 -9.28
N ARG A 350 -8.46 -15.61 -8.17
CA ARG A 350 -9.71 -15.32 -7.49
C ARG A 350 -9.59 -14.13 -6.54
N TYR A 351 -8.56 -14.11 -5.68
CA TYR A 351 -8.41 -12.96 -4.77
C TYR A 351 -8.09 -11.65 -5.46
N ALA A 352 -7.49 -11.67 -6.65
CA ALA A 352 -7.31 -10.44 -7.44
C ALA A 352 -8.67 -9.73 -7.66
N LEU A 353 -9.75 -10.49 -7.79
CA LEU A 353 -11.06 -9.87 -7.96
C LEU A 353 -11.43 -9.02 -6.76
N ALA A 354 -10.99 -9.41 -5.56
CA ALA A 354 -11.25 -8.61 -4.36
C ALA A 354 -10.52 -7.27 -4.40
N SER A 355 -9.38 -7.21 -5.08
CA SER A 355 -8.70 -5.94 -5.25
C SER A 355 -9.60 -4.93 -5.99
N HIS A 356 -10.17 -5.38 -7.10
CA HIS A 356 -11.11 -4.51 -7.85
C HIS A 356 -12.27 -4.08 -6.97
N PHE A 357 -12.83 -5.02 -6.24
CA PHE A 357 -14.03 -4.74 -5.47
C PHE A 357 -13.74 -3.78 -4.32
N PHE A 358 -12.66 -4.02 -3.62
CA PHE A 358 -12.27 -3.25 -2.47
C PHE A 358 -11.98 -1.79 -2.86
N TRP A 359 -11.12 -1.62 -3.85
CA TRP A 359 -10.72 -0.28 -4.26
C TRP A 359 -11.84 0.45 -4.98
N GLY A 360 -12.71 -0.29 -5.66
CA GLY A 360 -13.87 0.38 -6.27
C GLY A 360 -14.73 0.99 -5.18
N LEU A 361 -15.03 0.24 -4.12
CA LEU A 361 -15.80 0.79 -2.99
C LEU A 361 -15.09 1.95 -2.32
N TRP A 362 -13.80 1.79 -2.06
CA TRP A 362 -13.00 2.84 -1.45
C TRP A 362 -13.05 4.10 -2.29
N SER A 363 -12.99 3.94 -3.60
CA SER A 363 -12.96 5.09 -4.50
CA SER A 363 -12.98 5.08 -4.53
C SER A 363 -14.30 5.86 -4.54
N ILE A 364 -15.41 5.16 -4.38
CA ILE A 364 -16.71 5.85 -4.30
C ILE A 364 -16.68 6.75 -3.08
N LEU A 365 -16.18 6.27 -1.96
CA LEU A 365 -16.07 7.10 -0.76
C LEU A 365 -15.14 8.29 -0.98
N GLN A 366 -14.00 8.08 -1.64
CA GLN A 366 -13.11 9.21 -1.97
C GLN A 366 -13.79 10.25 -2.81
N ALA A 367 -14.64 9.82 -3.75
CA ALA A 367 -15.37 10.76 -4.61
C ALA A 367 -16.26 11.69 -3.82
N SER A 368 -16.74 11.23 -2.67
CA SER A 368 -17.65 12.06 -1.85
C SER A 368 -16.92 13.23 -1.18
N MET A 369 -15.58 13.21 -1.19
CA MET A 369 -14.78 14.27 -0.55
C MET A 369 -13.86 14.97 -1.54
N SER A 370 -14.17 14.82 -2.83
CA SER A 370 -13.31 15.30 -3.91
CA SER A 370 -13.31 15.29 -3.92
C SER A 370 -14.13 16.03 -4.95
N THR A 371 -13.48 16.85 -5.76
CA THR A 371 -14.16 17.51 -6.90
C THR A 371 -13.43 17.25 -8.19
N ILE A 372 -12.41 18.03 -8.50
CA ILE A 372 -11.79 17.99 -9.82
C ILE A 372 -10.32 17.52 -9.86
N GLU A 373 -9.82 17.05 -8.72
CA GLU A 373 -8.39 16.69 -8.59
C GLU A 373 -8.04 15.27 -9.11
N PHE A 374 -9.06 14.39 -9.11
CA PHE A 374 -8.91 12.99 -9.59
C PHE A 374 -10.29 12.45 -9.82
N GLY A 375 -10.44 11.65 -10.87
CA GLY A 375 -11.72 11.05 -11.21
C GLY A 375 -12.00 9.78 -10.42
N TYR A 376 -12.32 9.94 -9.15
CA TYR A 376 -12.58 8.80 -8.27
C TYR A 376 -13.74 7.95 -8.74
N LEU A 377 -14.81 8.57 -9.20
CA LEU A 377 -15.97 7.78 -9.54
C LEU A 377 -15.70 7.03 -10.84
N ASP A 378 -14.95 7.66 -11.73
CA ASP A 378 -14.54 7.08 -12.99
C ASP A 378 -13.64 5.85 -12.73
N TYR A 379 -12.69 6.06 -11.85
CA TYR A 379 -11.81 4.97 -11.40
C TYR A 379 -12.61 3.82 -10.80
N ALA A 380 -13.58 4.10 -9.95
CA ALA A 380 -14.40 3.05 -9.36
C ALA A 380 -15.05 2.22 -10.45
N GLN A 381 -15.64 2.90 -11.42
CA GLN A 381 -16.30 2.22 -12.51
C GLN A 381 -15.31 1.37 -13.30
N SER A 382 -14.10 1.86 -13.53
CA SER A 382 -13.07 1.07 -14.20
C SER A 382 -12.77 -0.25 -13.41
N ARG A 383 -12.62 -0.14 -12.08
CA ARG A 383 -12.36 -1.32 -11.27
C ARG A 383 -13.53 -2.31 -11.34
N PHE A 384 -14.78 -1.81 -11.26
CA PHE A 384 -15.93 -2.72 -11.32
C PHE A 384 -16.09 -3.34 -12.69
N GLN A 385 -15.83 -2.60 -13.76
CA GLN A 385 -15.87 -3.19 -15.10
C GLN A 385 -14.86 -4.34 -15.21
N PHE A 386 -13.62 -4.12 -14.78
CA PHE A 386 -12.59 -5.15 -14.80
CA PHE A 386 -12.62 -5.18 -14.80
C PHE A 386 -12.96 -6.33 -13.88
N TYR A 387 -13.57 -6.05 -12.74
CA TYR A 387 -14.04 -7.12 -11.85
C TYR A 387 -14.92 -8.09 -12.64
N PHE A 388 -15.94 -7.55 -13.32
CA PHE A 388 -16.88 -8.41 -14.02
C PHE A 388 -16.24 -9.10 -15.19
N GLN A 389 -15.37 -8.40 -15.91
CA GLN A 389 -14.66 -9.00 -17.02
CA GLN A 389 -14.65 -9.01 -17.02
C GLN A 389 -13.80 -10.18 -16.54
N GLN A 390 -13.01 -9.96 -15.51
CA GLN A 390 -12.13 -11.00 -15.04
C GLN A 390 -12.86 -12.15 -14.34
N LYS A 391 -13.95 -11.84 -13.64
CA LYS A 391 -14.79 -12.86 -13.04
C LYS A 391 -15.32 -13.80 -14.14
N GLY A 392 -15.72 -13.22 -15.25
CA GLY A 392 -16.24 -14.01 -16.41
C GLY A 392 -15.18 -14.79 -17.15
N GLN A 393 -13.91 -14.52 -16.89
CA GLN A 393 -12.80 -15.23 -17.52
C GLN A 393 -12.23 -16.31 -16.67
N LEU A 394 -12.83 -16.53 -15.48
CA LEU A 394 -12.40 -17.61 -14.60
C LEU A 394 -12.71 -19.00 -15.20
#